data_2C4Z
#
_entry.id   2C4Z
#
_cell.length_a   288.000
_cell.length_b   288.000
_cell.length_c   653.000
_cell.angle_alpha   90.00
_cell.angle_beta   90.00
_cell.angle_gamma   120.00
#
_symmetry.space_group_name_H-M   'H 3 2'
#
loop_
_entity.id
_entity.type
_entity.pdbx_description
1 polymer 'COAT PROTEIN'
2 polymer "5'-R(*AP*CP*AP*UP*GP*AP*GP*GP*AP*SUR *SUR*AP*CP*CP*CP*AP*UP*GP*U)-3'"
3 water water
#
loop_
_entity_poly.entity_id
_entity_poly.type
_entity_poly.pdbx_seq_one_letter_code
_entity_poly.pdbx_strand_id
1 'polypeptide(L)'
;ASNFTQFVLVDNGGTGDVTVAPSNFANGVAEWISSNSRSQAYKVTCSVRQSSAQNRKYTIKVEVPKVATQTVGGVELPVA
AWRSYLNMELTIPIFATNSDCELIVKAMQGLLKDGNPIPSAIAANSGIY
;
A,B,C
2 'polyribonucleotide' ACAUGAGGA(SUR)(SUR)ACCCAUGU R,S
#
# COMPACT_ATOMS: atom_id res chain seq x y z
N ALA A 1 5.55 12.35 13.30
CA ALA A 1 4.53 11.86 12.33
C ALA A 1 4.84 10.43 11.82
N SER A 2 4.48 10.22 10.55
CA SER A 2 4.63 8.96 9.83
C SER A 2 3.23 8.84 9.26
N ASN A 3 3.12 8.79 7.94
CA ASN A 3 1.82 8.69 7.34
C ASN A 3 1.41 7.25 7.10
N PHE A 4 2.31 6.32 7.41
CA PHE A 4 2.00 4.91 7.19
C PHE A 4 1.12 4.41 8.32
N THR A 5 -0.15 4.79 8.28
CA THR A 5 -1.11 4.41 9.29
C THR A 5 -2.32 3.70 8.70
N GLN A 6 -3.13 3.11 9.56
CA GLN A 6 -4.32 2.41 9.09
C GLN A 6 -5.41 3.43 8.81
N PHE A 7 -6.35 3.06 7.96
CA PHE A 7 -7.44 3.96 7.61
C PHE A 7 -8.65 3.17 7.16
N VAL A 8 -9.79 3.86 7.07
CA VAL A 8 -11.03 3.23 6.64
C VAL A 8 -11.15 3.28 5.13
N LEU A 9 -11.02 2.12 4.49
CA LEU A 9 -11.11 2.04 3.04
C LEU A 9 -12.56 2.16 2.61
N VAL A 10 -13.42 1.38 3.23
CA VAL A 10 -14.84 1.40 2.91
C VAL A 10 -15.60 1.86 4.14
N ASP A 11 -16.27 3.00 4.02
CA ASP A 11 -17.03 3.54 5.13
C ASP A 11 -18.52 3.23 5.05
N ASN A 12 -19.01 2.50 6.06
CA ASN A 12 -20.43 2.15 6.16
C ASN A 12 -20.95 2.61 7.51
N GLY A 13 -20.59 3.84 7.90
CA GLY A 13 -21.03 4.35 9.19
C GLY A 13 -20.69 3.39 10.31
N GLY A 14 -19.43 3.47 10.77
CA GLY A 14 -18.94 2.62 11.85
C GLY A 14 -19.50 1.22 12.10
N THR A 15 -20.02 0.54 11.08
CA THR A 15 -20.57 -0.82 11.26
C THR A 15 -20.46 -1.62 9.96
N GLY A 16 -19.46 -2.49 9.89
CA GLY A 16 -19.24 -3.27 8.69
C GLY A 16 -18.27 -2.47 7.84
N ASP A 17 -17.58 -1.53 8.49
CA ASP A 17 -16.59 -0.68 7.85
C ASP A 17 -15.38 -1.51 7.50
N VAL A 18 -14.89 -1.40 6.27
CA VAL A 18 -13.69 -2.13 5.89
C VAL A 18 -12.52 -1.22 6.21
N THR A 19 -11.78 -1.60 7.24
CA THR A 19 -10.63 -0.82 7.66
C THR A 19 -9.38 -1.60 7.23
N VAL A 20 -8.38 -0.86 6.78
CA VAL A 20 -7.16 -1.45 6.25
C VAL A 20 -5.94 -0.97 7.05
N ALA A 21 -4.98 -1.87 7.28
CA ALA A 21 -3.80 -1.52 8.06
C ALA A 21 -2.46 -1.86 7.43
N PRO A 22 -1.39 -1.12 7.81
CA PRO A 22 -0.04 -1.32 7.29
C PRO A 22 0.37 -2.77 7.49
N SER A 23 0.88 -3.40 6.45
CA SER A 23 1.27 -4.79 6.56
C SER A 23 2.63 -5.13 5.95
N ASN A 24 3.23 -4.21 5.20
CA ASN A 24 4.51 -4.52 4.59
C ASN A 24 5.07 -3.31 3.87
N PHE A 25 6.38 -3.18 3.87
CA PHE A 25 7.02 -2.06 3.19
C PHE A 25 8.24 -2.57 2.44
N ALA A 26 8.28 -3.89 2.23
CA ALA A 26 9.39 -4.50 1.54
C ALA A 26 9.50 -3.99 0.11
N ASN A 27 10.74 -3.69 -0.29
CA ASN A 27 11.02 -3.21 -1.64
C ASN A 27 10.43 -1.86 -1.98
N GLY A 28 10.27 -1.02 -0.97
CA GLY A 28 9.72 0.30 -1.21
C GLY A 28 8.28 0.33 -1.67
N VAL A 29 7.53 -0.74 -1.41
CA VAL A 29 6.13 -0.76 -1.77
C VAL A 29 5.34 -0.84 -0.48
N ALA A 30 4.63 0.23 -0.15
CA ALA A 30 3.83 0.26 1.06
C ALA A 30 2.59 -0.58 0.83
N GLU A 31 2.26 -1.45 1.77
CA GLU A 31 1.11 -2.32 1.66
C GLU A 31 0.19 -2.22 2.86
N TRP A 32 -1.10 -2.39 2.60
CA TRP A 32 -2.13 -2.34 3.62
C TRP A 32 -3.08 -3.48 3.32
N ILE A 33 -3.56 -4.17 4.34
CA ILE A 33 -4.54 -5.24 4.09
C ILE A 33 -5.58 -5.19 5.20
N SER A 34 -6.71 -5.84 4.99
CA SER A 34 -7.76 -5.87 5.99
C SER A 34 -7.56 -7.12 6.84
N SER A 35 -8.17 -7.14 8.02
CA SER A 35 -8.04 -8.28 8.91
C SER A 35 -8.79 -9.45 8.32
N ASN A 36 -8.11 -10.19 7.48
CA ASN A 36 -8.70 -11.33 6.81
C ASN A 36 -7.60 -12.28 6.49
N SER A 37 -7.98 -13.45 5.97
CA SER A 37 -7.00 -14.40 5.56
C SER A 37 -6.46 -13.71 4.32
N ARG A 38 -5.17 -13.87 4.07
CA ARG A 38 -4.53 -13.26 2.94
C ARG A 38 -5.29 -13.55 1.64
N SER A 39 -6.09 -14.61 1.64
CA SER A 39 -6.83 -14.98 0.44
C SER A 39 -8.14 -14.19 0.27
N GLN A 40 -8.65 -13.62 1.35
CA GLN A 40 -9.90 -12.86 1.27
C GLN A 40 -9.72 -11.39 1.59
N ALA A 41 -8.48 -10.95 1.75
CA ALA A 41 -8.25 -9.57 2.14
C ALA A 41 -8.31 -8.49 1.07
N TYR A 42 -8.67 -7.29 1.53
CA TYR A 42 -8.70 -6.11 0.69
C TYR A 42 -7.23 -5.74 0.72
N LYS A 43 -6.71 -5.23 -0.38
CA LYS A 43 -5.30 -4.90 -0.41
C LYS A 43 -5.06 -3.56 -1.10
N VAL A 44 -4.19 -2.75 -0.52
CA VAL A 44 -3.85 -1.46 -1.08
C VAL A 44 -2.33 -1.33 -1.10
N THR A 45 -1.77 -0.96 -2.24
CA THR A 45 -0.33 -0.78 -2.31
C THR A 45 -0.02 0.58 -2.91
N CYS A 46 1.11 1.14 -2.51
CA CYS A 46 1.52 2.44 -3.01
C CYS A 46 3.03 2.53 -3.11
N SER A 47 3.51 3.18 -4.15
CA SER A 47 4.94 3.36 -4.32
C SER A 47 5.20 4.62 -5.15
N VAL A 48 6.28 5.32 -4.83
CA VAL A 48 6.65 6.53 -5.55
C VAL A 48 8.00 6.31 -6.17
N ARG A 49 8.20 6.85 -7.36
CA ARG A 49 9.46 6.69 -8.04
C ARG A 49 9.78 7.95 -8.85
N GLN A 50 11.05 8.24 -9.04
CA GLN A 50 11.47 9.41 -9.82
C GLN A 50 11.56 8.93 -11.28
N SER A 51 10.39 8.64 -11.85
CA SER A 51 10.23 8.13 -13.23
C SER A 51 11.07 8.79 -14.33
N SER A 52 11.41 10.06 -14.13
CA SER A 52 12.20 10.78 -15.11
C SER A 52 13.08 11.78 -14.38
N ALA A 53 13.91 12.46 -15.14
CA ALA A 53 14.77 13.46 -14.56
C ALA A 53 13.86 14.57 -13.97
N GLN A 54 12.71 14.80 -14.60
CA GLN A 54 11.83 15.85 -14.14
C GLN A 54 10.41 15.47 -13.72
N ASN A 55 10.22 14.19 -13.41
CA ASN A 55 8.91 13.68 -13.00
C ASN A 55 8.98 12.72 -11.84
N ARG A 56 7.86 12.61 -11.13
CA ARG A 56 7.73 11.67 -10.04
C ARG A 56 6.43 10.96 -10.33
N LYS A 57 6.42 9.65 -10.14
CA LYS A 57 5.24 8.87 -10.43
C LYS A 57 4.76 8.04 -9.25
N TYR A 58 3.49 8.20 -8.90
CA TYR A 58 2.92 7.43 -7.82
C TYR A 58 2.17 6.29 -8.47
N THR A 59 2.32 5.08 -7.92
CA THR A 59 1.61 3.93 -8.43
C THR A 59 0.80 3.37 -7.30
N ILE A 60 -0.52 3.48 -7.43
CA ILE A 60 -1.44 3.03 -6.40
C ILE A 60 -2.32 1.91 -6.93
N LYS A 61 -2.50 0.87 -6.12
CA LYS A 61 -3.33 -0.26 -6.50
C LYS A 61 -4.23 -0.69 -5.36
N VAL A 62 -5.49 -0.96 -5.68
CA VAL A 62 -6.45 -1.40 -4.69
C VAL A 62 -7.11 -2.67 -5.21
N GLU A 63 -7.36 -3.62 -4.30
CA GLU A 63 -7.99 -4.88 -4.65
C GLU A 63 -9.23 -5.09 -3.81
N VAL A 64 -10.39 -5.13 -4.45
CA VAL A 64 -11.64 -5.35 -3.73
C VAL A 64 -12.09 -6.77 -4.00
N PRO A 65 -12.20 -7.59 -2.95
CA PRO A 65 -12.63 -8.97 -3.14
C PRO A 65 -14.09 -9.26 -2.87
N LYS A 66 -14.58 -10.33 -3.50
CA LYS A 66 -15.94 -10.81 -3.32
C LYS A 66 -15.69 -12.12 -2.54
N VAL A 67 -15.85 -12.06 -1.23
CA VAL A 67 -15.60 -13.22 -0.38
C VAL A 67 -16.60 -14.35 -0.56
N ALA A 68 -16.10 -15.57 -0.46
CA ALA A 68 -16.90 -16.77 -0.60
C ALA A 68 -16.22 -17.95 0.09
N THR A 69 -16.97 -19.05 0.25
CA THR A 69 -16.44 -20.25 0.88
C THR A 69 -16.46 -21.37 -0.16
N GLN A 70 -15.28 -21.81 -0.58
CA GLN A 70 -15.22 -22.86 -1.57
C GLN A 70 -14.87 -24.24 -1.01
N THR A 71 -15.52 -25.26 -1.56
CA THR A 71 -15.29 -26.65 -1.15
C THR A 71 -14.36 -27.35 -2.13
N VAL A 72 -13.09 -27.44 -1.77
CA VAL A 72 -12.08 -28.09 -2.60
C VAL A 72 -11.67 -29.40 -1.93
N GLY A 73 -11.67 -30.50 -2.70
CA GLY A 73 -11.32 -31.79 -2.13
C GLY A 73 -12.23 -32.14 -0.94
N GLY A 74 -13.50 -31.72 -1.02
CA GLY A 74 -14.44 -32.00 0.04
C GLY A 74 -14.19 -31.21 1.31
N VAL A 75 -13.41 -30.14 1.20
CA VAL A 75 -13.09 -29.28 2.35
C VAL A 75 -13.37 -27.79 2.09
N GLU A 76 -13.92 -27.10 3.10
CA GLU A 76 -14.24 -25.69 2.97
C GLU A 76 -13.07 -24.75 3.24
N LEU A 77 -12.81 -23.83 2.31
CA LEU A 77 -11.73 -22.88 2.45
C LEU A 77 -12.22 -21.45 2.22
N PRO A 78 -11.69 -20.48 2.97
CA PRO A 78 -12.08 -19.08 2.82
C PRO A 78 -11.40 -18.63 1.53
N VAL A 79 -12.15 -18.00 0.64
CA VAL A 79 -11.56 -17.61 -0.62
C VAL A 79 -12.25 -16.42 -1.27
N ALA A 80 -11.82 -16.05 -2.47
CA ALA A 80 -12.41 -14.92 -3.18
C ALA A 80 -13.00 -15.40 -4.52
N ALA A 81 -14.30 -15.23 -4.66
CA ALA A 81 -15.01 -15.62 -5.88
C ALA A 81 -14.35 -14.93 -7.05
N TRP A 82 -14.05 -13.66 -6.87
CA TRP A 82 -13.37 -12.83 -7.87
C TRP A 82 -12.88 -11.57 -7.20
N ARG A 83 -12.04 -10.82 -7.91
CA ARG A 83 -11.49 -9.58 -7.40
C ARG A 83 -11.60 -8.47 -8.41
N SER A 84 -11.81 -7.26 -7.91
CA SER A 84 -11.92 -6.09 -8.75
C SER A 84 -10.60 -5.33 -8.56
N TYR A 85 -9.99 -4.90 -9.66
CA TYR A 85 -8.71 -4.21 -9.57
C TYR A 85 -8.71 -2.75 -10.01
N LEU A 86 -8.10 -1.90 -9.19
CA LEU A 86 -7.96 -0.49 -9.50
C LEU A 86 -6.46 -0.20 -9.59
N ASN A 87 -6.01 0.27 -10.74
CA ASN A 87 -4.60 0.61 -10.91
C ASN A 87 -4.56 2.06 -11.32
N MET A 88 -3.92 2.90 -10.54
CA MET A 88 -3.82 4.29 -10.93
C MET A 88 -2.39 4.80 -10.86
N GLU A 89 -2.00 5.57 -11.87
CA GLU A 89 -0.66 6.15 -11.92
C GLU A 89 -0.79 7.64 -12.02
N LEU A 90 -0.05 8.33 -11.16
CA LEU A 90 -0.09 9.76 -11.11
C LEU A 90 1.30 10.32 -11.39
N THR A 91 1.44 11.11 -12.45
CA THR A 91 2.72 11.70 -12.78
C THR A 91 2.69 13.17 -12.47
N ILE A 92 3.58 13.60 -11.59
CA ILE A 92 3.65 14.99 -11.17
C ILE A 92 5.01 15.59 -11.48
N PRO A 93 5.04 16.75 -12.14
CA PRO A 93 6.32 17.37 -12.47
C PRO A 93 7.00 17.83 -11.18
N ILE A 94 8.33 17.78 -11.12
CA ILE A 94 9.05 18.18 -9.92
C ILE A 94 8.87 19.65 -9.57
N PHE A 95 8.32 20.42 -10.49
CA PHE A 95 8.11 21.84 -10.26
C PHE A 95 6.85 22.16 -9.51
N ALA A 96 6.02 21.15 -9.28
CA ALA A 96 4.77 21.36 -8.56
C ALA A 96 5.04 21.62 -7.09
N THR A 97 4.46 22.69 -6.56
CA THR A 97 4.61 23.05 -5.17
C THR A 97 3.58 22.27 -4.36
N ASN A 98 3.58 22.44 -3.05
CA ASN A 98 2.63 21.73 -2.22
C ASN A 98 1.21 22.16 -2.54
N SER A 99 1.02 23.43 -2.83
CA SER A 99 -0.30 23.92 -3.16
C SER A 99 -0.74 23.34 -4.49
N ASP A 100 0.21 23.09 -5.39
CA ASP A 100 -0.12 22.52 -6.69
C ASP A 100 -0.58 21.09 -6.49
N CYS A 101 0.04 20.40 -5.56
CA CYS A 101 -0.30 19.02 -5.28
C CYS A 101 -1.64 18.91 -4.57
N GLU A 102 -1.94 19.87 -3.71
CA GLU A 102 -3.22 19.88 -3.00
C GLU A 102 -4.33 19.97 -4.02
N LEU A 103 -4.04 20.68 -5.09
CA LEU A 103 -4.98 20.88 -6.18
C LEU A 103 -5.29 19.57 -6.87
N ILE A 104 -4.26 18.74 -7.03
CA ILE A 104 -4.44 17.45 -7.67
C ILE A 104 -5.29 16.56 -6.79
N VAL A 105 -4.99 16.54 -5.50
CA VAL A 105 -5.76 15.71 -4.58
C VAL A 105 -7.23 16.08 -4.60
N LYS A 106 -7.52 17.37 -4.54
CA LYS A 106 -8.91 17.83 -4.57
C LYS A 106 -9.61 17.43 -5.84
N ALA A 107 -8.89 17.43 -6.95
CA ALA A 107 -9.47 17.06 -8.24
C ALA A 107 -9.90 15.60 -8.20
N MET A 108 -9.05 14.75 -7.62
CA MET A 108 -9.36 13.33 -7.53
C MET A 108 -10.52 13.08 -6.59
N GLN A 109 -10.67 13.93 -5.57
CA GLN A 109 -11.77 13.75 -4.64
C GLN A 109 -13.06 14.19 -5.30
N GLY A 110 -12.99 15.29 -6.06
CA GLY A 110 -14.18 15.78 -6.73
C GLY A 110 -14.62 14.82 -7.80
N LEU A 111 -13.67 14.20 -8.47
CA LEU A 111 -13.94 13.25 -9.52
C LEU A 111 -14.83 12.12 -9.06
N LEU A 112 -14.61 11.65 -7.84
CA LEU A 112 -15.34 10.50 -7.29
C LEU A 112 -16.45 10.81 -6.29
N LYS A 113 -16.77 12.08 -6.09
CA LYS A 113 -17.80 12.43 -5.13
C LYS A 113 -19.19 11.93 -5.51
N ASP A 114 -19.94 11.43 -4.53
CA ASP A 114 -21.29 10.92 -4.78
C ASP A 114 -22.11 11.89 -5.60
N GLY A 115 -22.82 11.37 -6.59
CA GLY A 115 -23.65 12.23 -7.41
C GLY A 115 -23.00 12.71 -8.68
N ASN A 116 -21.68 12.68 -8.74
CA ASN A 116 -21.04 13.14 -9.96
C ASN A 116 -21.08 12.06 -11.02
N PRO A 117 -20.95 12.43 -12.29
CA PRO A 117 -20.99 11.53 -13.42
C PRO A 117 -20.31 10.16 -13.29
N ILE A 118 -19.00 10.15 -13.20
CA ILE A 118 -18.26 8.90 -13.13
C ILE A 118 -18.66 7.93 -12.02
N PRO A 119 -18.68 8.36 -10.75
CA PRO A 119 -19.08 7.34 -9.78
C PRO A 119 -20.51 6.85 -10.01
N SER A 120 -21.33 7.69 -10.64
CA SER A 120 -22.72 7.34 -10.92
C SER A 120 -22.83 6.26 -11.97
N ALA A 121 -21.97 6.33 -12.98
CA ALA A 121 -21.99 5.35 -14.04
C ALA A 121 -21.48 4.01 -13.52
N ILE A 122 -20.34 4.04 -12.85
CA ILE A 122 -19.73 2.84 -12.32
C ILE A 122 -20.71 2.08 -11.44
N ALA A 123 -21.36 2.79 -10.53
CA ALA A 123 -22.30 2.18 -9.61
C ALA A 123 -23.57 1.67 -10.27
N ALA A 124 -23.85 2.11 -11.48
CA ALA A 124 -25.04 1.69 -12.18
C ALA A 124 -24.73 0.71 -13.32
N ASN A 125 -23.49 0.26 -13.39
CA ASN A 125 -23.08 -0.66 -14.43
C ASN A 125 -23.33 -0.13 -15.83
N SER A 126 -23.17 1.18 -16.01
CA SER A 126 -23.38 1.76 -17.33
C SER A 126 -22.22 2.64 -17.74
N GLY A 127 -22.35 3.23 -18.92
CA GLY A 127 -21.32 4.11 -19.43
C GLY A 127 -21.79 5.54 -19.23
N ILE A 128 -21.09 6.48 -19.85
CA ILE A 128 -21.46 7.88 -19.76
C ILE A 128 -22.24 8.23 -21.01
N TYR A 129 -23.38 8.88 -20.83
CA TYR A 129 -24.19 9.26 -21.97
C TYR A 129 -25.13 10.40 -21.58
N ALA B 1 -32.04 9.76 -18.06
CA ALA B 1 -30.99 9.41 -17.03
C ALA B 1 -29.58 9.84 -17.49
N SER B 2 -29.53 10.71 -18.50
CA SER B 2 -28.27 11.21 -19.04
C SER B 2 -27.36 11.67 -17.89
N ASN B 3 -26.17 11.10 -17.79
CA ASN B 3 -25.25 11.49 -16.73
C ASN B 3 -24.07 12.30 -17.24
N PHE B 4 -24.05 12.59 -18.53
CA PHE B 4 -22.96 13.37 -19.12
C PHE B 4 -23.24 14.85 -18.94
N THR B 5 -23.10 15.31 -17.71
CA THR B 5 -23.35 16.71 -17.37
C THR B 5 -22.11 17.31 -16.72
N GLN B 6 -22.09 18.64 -16.58
CA GLN B 6 -20.95 19.26 -15.96
C GLN B 6 -20.96 19.05 -14.46
N PHE B 7 -19.81 19.17 -13.84
CA PHE B 7 -19.70 18.99 -12.40
C PHE B 7 -18.49 19.73 -11.85
N VAL B 8 -18.45 19.88 -10.54
CA VAL B 8 -17.35 20.57 -9.88
C VAL B 8 -16.21 19.58 -9.65
N LEU B 9 -15.06 19.85 -10.25
CA LEU B 9 -13.90 18.97 -10.10
C LEU B 9 -13.12 19.37 -8.86
N VAL B 10 -12.81 20.65 -8.73
CA VAL B 10 -12.08 21.15 -7.58
C VAL B 10 -13.02 22.02 -6.78
N ASP B 11 -13.32 21.57 -5.57
CA ASP B 11 -14.22 22.31 -4.69
C ASP B 11 -13.51 23.14 -3.63
N ASN B 12 -13.66 24.45 -3.76
CA ASN B 12 -13.07 25.38 -2.79
C ASN B 12 -14.19 26.09 -2.04
N GLY B 13 -15.36 25.43 -1.97
CA GLY B 13 -16.51 26.02 -1.31
C GLY B 13 -16.93 27.30 -2.00
N GLY B 14 -17.79 27.17 -3.02
CA GLY B 14 -18.31 28.32 -3.77
C GLY B 14 -17.32 29.25 -4.47
N THR B 15 -16.33 29.73 -3.73
CA THR B 15 -15.35 30.66 -4.29
C THR B 15 -14.06 30.02 -4.81
N GLY B 16 -13.83 30.17 -6.12
CA GLY B 16 -12.64 29.60 -6.73
C GLY B 16 -12.82 28.15 -7.16
N ASP B 17 -14.08 27.70 -7.18
CA ASP B 17 -14.39 26.34 -7.58
C ASP B 17 -14.06 26.13 -9.05
N VAL B 18 -13.56 24.94 -9.38
CA VAL B 18 -13.25 24.64 -10.77
C VAL B 18 -14.32 23.72 -11.30
N THR B 19 -15.08 24.21 -12.26
CA THR B 19 -16.13 23.42 -12.89
C THR B 19 -15.60 22.90 -14.21
N VAL B 20 -15.99 21.68 -14.53
CA VAL B 20 -15.54 21.03 -15.74
C VAL B 20 -16.81 20.63 -16.51
N ALA B 21 -16.87 20.98 -17.80
CA ALA B 21 -18.07 20.71 -18.59
C ALA B 21 -17.85 19.86 -19.83
N PRO B 22 -18.91 19.18 -20.30
CA PRO B 22 -18.86 18.32 -21.50
C PRO B 22 -18.24 19.05 -22.66
N SER B 23 -17.24 18.43 -23.30
CA SER B 23 -16.57 19.07 -24.42
C SER B 23 -16.34 18.17 -25.63
N ASN B 24 -16.62 16.88 -25.48
CA ASN B 24 -16.42 15.99 -26.61
C ASN B 24 -16.98 14.61 -26.31
N PHE B 25 -17.46 13.93 -27.34
CA PHE B 25 -18.02 12.59 -27.17
C PHE B 25 -17.63 11.67 -28.31
N ALA B 26 -16.55 12.02 -29.01
CA ALA B 26 -16.09 11.22 -30.13
C ALA B 26 -15.65 9.83 -29.69
N ASN B 27 -16.23 8.82 -30.32
CA ASN B 27 -15.91 7.42 -30.04
C ASN B 27 -16.40 6.89 -28.70
N GLY B 28 -17.48 7.48 -28.19
CA GLY B 28 -18.01 7.03 -26.91
C GLY B 28 -17.13 7.44 -25.74
N VAL B 29 -16.04 8.13 -26.02
CA VAL B 29 -15.16 8.60 -24.96
C VAL B 29 -15.64 9.98 -24.54
N ALA B 30 -16.20 10.07 -23.34
CA ALA B 30 -16.70 11.34 -22.84
C ALA B 30 -15.55 12.20 -22.37
N GLU B 31 -15.64 13.49 -22.66
CA GLU B 31 -14.61 14.44 -22.25
C GLU B 31 -15.23 15.68 -21.61
N TRP B 32 -14.56 16.18 -20.58
CA TRP B 32 -14.97 17.37 -19.86
C TRP B 32 -13.73 18.23 -19.72
N ILE B 33 -13.86 19.55 -19.87
CA ILE B 33 -12.70 20.42 -19.69
C ILE B 33 -13.14 21.71 -19.03
N SER B 34 -12.20 22.37 -18.38
CA SER B 34 -12.50 23.63 -17.73
C SER B 34 -12.45 24.72 -18.78
N SER B 35 -12.92 25.90 -18.40
CA SER B 35 -12.95 27.03 -19.29
C SER B 35 -11.57 27.70 -19.39
N ASN B 36 -10.64 27.03 -20.05
CA ASN B 36 -9.28 27.53 -20.22
C ASN B 36 -8.79 27.18 -21.60
N SER B 37 -7.53 27.51 -21.87
CA SER B 37 -6.92 27.15 -23.14
C SER B 37 -6.67 25.67 -22.90
N ARG B 38 -6.55 24.86 -23.95
CA ARG B 38 -6.36 23.45 -23.69
C ARG B 38 -5.02 23.11 -23.09
N SER B 39 -4.09 24.06 -23.12
CA SER B 39 -2.77 23.82 -22.54
C SER B 39 -2.83 24.03 -21.04
N GLN B 40 -3.78 24.82 -20.57
CA GLN B 40 -3.90 25.09 -19.15
C GLN B 40 -5.19 24.57 -18.52
N ALA B 41 -5.96 23.81 -19.27
CA ALA B 41 -7.22 23.31 -18.79
C ALA B 41 -7.15 22.10 -17.90
N TYR B 42 -8.24 21.85 -17.19
CA TYR B 42 -8.40 20.67 -16.36
C TYR B 42 -9.16 19.79 -17.32
N LYS B 43 -8.67 18.58 -17.56
CA LYS B 43 -9.35 17.70 -18.49
C LYS B 43 -9.69 16.37 -17.84
N VAL B 44 -10.84 15.83 -18.22
CA VAL B 44 -11.29 14.54 -17.70
C VAL B 44 -11.90 13.73 -18.81
N THR B 45 -11.47 12.48 -18.98
CA THR B 45 -12.06 11.61 -20.00
C THR B 45 -12.43 10.30 -19.34
N CYS B 46 -13.40 9.60 -19.92
CA CYS B 46 -13.84 8.34 -19.35
C CYS B 46 -14.50 7.44 -20.40
N SER B 47 -14.16 6.16 -20.37
CA SER B 47 -14.75 5.21 -21.30
C SER B 47 -14.81 3.85 -20.67
N VAL B 48 -15.69 2.99 -21.17
CA VAL B 48 -15.84 1.63 -20.65
C VAL B 48 -15.85 0.66 -21.81
N ARG B 49 -15.31 -0.52 -21.58
CA ARG B 49 -15.30 -1.54 -22.59
C ARG B 49 -15.16 -2.89 -21.93
N GLN B 50 -15.49 -3.93 -22.67
CA GLN B 50 -15.38 -5.30 -22.21
C GLN B 50 -13.92 -5.68 -22.45
N SER B 51 -13.07 -5.54 -21.44
CA SER B 51 -11.64 -5.85 -21.61
C SER B 51 -11.37 -7.30 -21.97
N SER B 52 -12.22 -8.20 -21.49
CA SER B 52 -12.08 -9.62 -21.77
C SER B 52 -13.42 -10.31 -21.55
N ALA B 53 -13.44 -11.62 -21.66
CA ALA B 53 -14.67 -12.38 -21.49
C ALA B 53 -15.19 -12.31 -20.05
N GLN B 54 -14.29 -12.15 -19.10
CA GLN B 54 -14.65 -12.11 -17.70
C GLN B 54 -14.72 -10.70 -17.09
N ASN B 55 -14.15 -9.71 -17.78
CA ASN B 55 -14.11 -8.36 -17.22
C ASN B 55 -14.55 -7.19 -18.09
N ARG B 56 -14.95 -6.13 -17.40
CA ARG B 56 -15.31 -4.86 -18.03
C ARG B 56 -14.23 -3.93 -17.46
N LYS B 57 -13.88 -2.88 -18.17
CA LYS B 57 -12.84 -1.99 -17.69
C LYS B 57 -13.05 -0.52 -17.97
N TYR B 58 -13.12 0.28 -16.90
CA TYR B 58 -13.28 1.72 -17.02
C TYR B 58 -11.91 2.37 -17.10
N THR B 59 -11.72 3.26 -18.07
CA THR B 59 -10.45 3.95 -18.21
C THR B 59 -10.74 5.42 -17.98
N ILE B 60 -10.22 5.95 -16.88
CA ILE B 60 -10.42 7.34 -16.53
C ILE B 60 -9.11 8.08 -16.52
N LYS B 61 -9.07 9.21 -17.23
CA LYS B 61 -7.86 10.01 -17.27
C LYS B 61 -8.15 11.43 -16.86
N VAL B 62 -7.23 12.01 -16.09
CA VAL B 62 -7.37 13.38 -15.64
C VAL B 62 -6.08 14.15 -15.87
N GLU B 63 -6.21 15.42 -16.23
CA GLU B 63 -5.05 16.27 -16.46
C GLU B 63 -5.23 17.48 -15.57
N VAL B 64 -4.24 17.78 -14.75
CA VAL B 64 -4.30 18.92 -13.83
C VAL B 64 -3.16 19.89 -14.11
N PRO B 65 -3.48 21.18 -14.28
CA PRO B 65 -2.44 22.18 -14.57
C PRO B 65 -1.65 22.63 -13.35
N LYS B 66 -0.37 22.96 -13.55
CA LYS B 66 0.43 23.48 -12.46
C LYS B 66 0.01 24.94 -12.40
N VAL B 67 -0.45 25.38 -11.24
CA VAL B 67 -0.94 26.74 -11.12
C VAL B 67 0.03 27.78 -10.55
N ALA B 68 0.91 27.38 -9.64
CA ALA B 68 1.86 28.32 -9.06
C ALA B 68 2.72 28.96 -10.13
N THR B 69 2.76 30.28 -10.14
CA THR B 69 3.53 31.10 -11.10
C THR B 69 3.05 30.95 -12.54
N GLN B 70 1.83 30.46 -12.70
CA GLN B 70 1.23 30.28 -14.00
C GLN B 70 0.85 31.62 -14.62
N THR B 71 0.98 31.73 -15.94
CA THR B 71 0.60 32.96 -16.65
C THR B 71 -0.64 32.62 -17.44
N VAL B 72 -1.80 33.06 -16.96
CA VAL B 72 -3.06 32.77 -17.62
C VAL B 72 -3.13 33.14 -19.08
N GLY B 73 -3.33 32.12 -19.92
CA GLY B 73 -3.43 32.34 -21.35
C GLY B 73 -2.10 32.41 -22.05
N GLY B 74 -1.02 32.25 -21.31
CA GLY B 74 0.31 32.32 -21.91
C GLY B 74 0.81 31.02 -22.48
N VAL B 75 1.95 31.10 -23.15
CA VAL B 75 2.57 29.93 -23.75
C VAL B 75 3.63 29.46 -22.77
N GLU B 76 3.41 28.29 -22.17
CA GLU B 76 4.34 27.75 -21.19
C GLU B 76 4.98 26.45 -21.64
N LEU B 77 6.29 26.50 -21.89
CA LEU B 77 7.04 25.32 -22.32
C LEU B 77 8.16 25.05 -21.32
N PRO B 78 8.54 23.78 -21.15
CA PRO B 78 7.99 22.61 -21.85
C PRO B 78 6.67 22.19 -21.21
N VAL B 79 5.80 21.60 -22.01
CA VAL B 79 4.51 21.16 -21.54
C VAL B 79 4.58 20.24 -20.33
N ALA B 80 5.51 19.30 -20.36
CA ALA B 80 5.68 18.33 -19.29
C ALA B 80 5.97 18.95 -17.93
N ALA B 81 6.39 20.21 -17.93
CA ALA B 81 6.72 20.89 -16.68
C ALA B 81 5.49 21.52 -16.04
N TRP B 82 4.46 21.74 -16.83
CA TRP B 82 3.28 22.40 -16.32
C TRP B 82 2.04 21.55 -16.16
N ARG B 83 2.16 20.23 -16.27
CA ARG B 83 0.98 19.39 -16.13
C ARG B 83 1.18 18.07 -15.42
N SER B 84 0.14 17.65 -14.71
CA SER B 84 0.16 16.39 -14.00
C SER B 84 -0.85 15.49 -14.68
N TYR B 85 -0.52 14.21 -14.78
CA TYR B 85 -1.39 13.27 -15.43
C TYR B 85 -1.83 12.14 -14.53
N LEU B 86 -3.14 11.93 -14.45
CA LEU B 86 -3.68 10.86 -13.64
C LEU B 86 -4.26 9.85 -14.60
N ASN B 87 -3.87 8.60 -14.43
CA ASN B 87 -4.37 7.55 -15.28
C ASN B 87 -4.93 6.42 -14.42
N MET B 88 -6.23 6.24 -14.48
CA MET B 88 -6.94 5.23 -13.70
C MET B 88 -7.56 4.12 -14.51
N GLU B 89 -7.32 2.88 -14.12
CA GLU B 89 -7.94 1.75 -14.80
C GLU B 89 -8.65 0.94 -13.75
N LEU B 90 -9.95 0.75 -13.95
CA LEU B 90 -10.76 0.01 -13.01
C LEU B 90 -11.32 -1.23 -13.69
N THR B 91 -10.89 -2.40 -13.24
CA THR B 91 -11.34 -3.65 -13.81
C THR B 91 -12.42 -4.26 -12.92
N ILE B 92 -13.57 -4.56 -13.50
CA ILE B 92 -14.67 -5.13 -12.75
C ILE B 92 -15.20 -6.38 -13.42
N PRO B 93 -15.22 -7.52 -12.70
CA PRO B 93 -15.71 -8.80 -13.22
C PRO B 93 -17.18 -8.67 -13.58
N ILE B 94 -17.58 -9.31 -14.68
CA ILE B 94 -18.97 -9.24 -15.13
C ILE B 94 -19.99 -9.71 -14.11
N PHE B 95 -19.56 -10.39 -13.06
CA PHE B 95 -20.50 -10.89 -12.06
C PHE B 95 -20.89 -9.82 -11.05
N ALA B 96 -20.17 -8.72 -11.03
CA ALA B 96 -20.44 -7.65 -10.08
C ALA B 96 -21.82 -7.05 -10.26
N THR B 97 -22.57 -6.97 -9.17
CA THR B 97 -23.90 -6.40 -9.21
C THR B 97 -23.78 -4.91 -8.92
N ASN B 98 -24.88 -4.19 -9.02
CA ASN B 98 -24.87 -2.77 -8.75
C ASN B 98 -24.37 -2.53 -7.34
N SER B 99 -24.77 -3.40 -6.41
CA SER B 99 -24.34 -3.29 -5.03
C SER B 99 -22.84 -3.45 -4.94
N ASP B 100 -22.31 -4.48 -5.60
CA ASP B 100 -20.88 -4.70 -5.58
C ASP B 100 -20.17 -3.47 -6.09
N CYS B 101 -20.68 -2.89 -7.16
CA CYS B 101 -20.07 -1.70 -7.74
C CYS B 101 -20.14 -0.48 -6.85
N GLU B 102 -21.21 -0.37 -6.07
CA GLU B 102 -21.34 0.76 -5.17
C GLU B 102 -20.25 0.68 -4.12
N LEU B 103 -19.93 -0.54 -3.72
CA LEU B 103 -18.90 -0.75 -2.71
C LEU B 103 -17.54 -0.39 -3.29
N ILE B 104 -17.31 -0.75 -4.54
CA ILE B 104 -16.05 -0.46 -5.21
C ILE B 104 -15.86 1.05 -5.28
N VAL B 105 -16.95 1.77 -5.43
CA VAL B 105 -16.87 3.22 -5.49
C VAL B 105 -16.51 3.78 -4.12
N LYS B 106 -17.12 3.22 -3.08
CA LYS B 106 -16.82 3.66 -1.73
C LYS B 106 -15.35 3.42 -1.41
N ALA B 107 -14.84 2.29 -1.87
CA ALA B 107 -13.45 1.97 -1.63
C ALA B 107 -12.57 3.05 -2.24
N MET B 108 -12.92 3.48 -3.45
CA MET B 108 -12.15 4.53 -4.12
C MET B 108 -12.27 5.86 -3.38
N GLN B 109 -13.46 6.14 -2.85
CA GLN B 109 -13.66 7.38 -2.11
C GLN B 109 -12.84 7.34 -0.83
N GLY B 110 -12.90 6.20 -0.13
CA GLY B 110 -12.15 6.07 1.11
C GLY B 110 -10.66 6.23 0.90
N LEU B 111 -10.14 5.63 -0.16
CA LEU B 111 -8.73 5.70 -0.48
C LEU B 111 -8.25 7.15 -0.53
N LEU B 112 -9.07 8.02 -1.11
CA LEU B 112 -8.71 9.41 -1.29
C LEU B 112 -9.27 10.38 -0.28
N LYS B 113 -10.01 9.87 0.70
CA LYS B 113 -10.59 10.77 1.68
C LYS B 113 -9.52 11.59 2.37
N ASP B 114 -9.88 12.83 2.67
CA ASP B 114 -9.00 13.77 3.31
C ASP B 114 -8.43 13.26 4.63
N GLY B 115 -7.12 13.38 4.79
CA GLY B 115 -6.50 12.93 6.03
C GLY B 115 -5.95 11.52 5.99
N ASN B 116 -6.29 10.75 4.96
CA ASN B 116 -5.78 9.40 4.85
C ASN B 116 -4.37 9.42 4.28
N PRO B 117 -3.62 8.35 4.46
CA PRO B 117 -2.24 8.24 3.97
C PRO B 117 -1.95 8.73 2.55
N ILE B 118 -2.46 8.02 1.55
CA ILE B 118 -2.19 8.35 0.17
C ILE B 118 -2.38 9.84 -0.18
N PRO B 119 -3.59 10.39 0.03
CA PRO B 119 -3.72 11.80 -0.32
C PRO B 119 -2.80 12.71 0.46
N SER B 120 -2.54 12.39 1.72
CA SER B 120 -1.67 13.21 2.55
C SER B 120 -0.25 13.20 2.04
N ALA B 121 0.18 12.04 1.53
CA ALA B 121 1.53 11.90 1.01
C ALA B 121 1.66 12.70 -0.28
N ILE B 122 0.71 12.53 -1.18
CA ILE B 122 0.72 13.24 -2.45
C ILE B 122 0.76 14.74 -2.23
N ALA B 123 -0.14 15.23 -1.38
CA ALA B 123 -0.25 16.65 -1.09
C ALA B 123 0.98 17.26 -0.47
N ALA B 124 1.84 16.43 0.12
CA ALA B 124 3.05 16.94 0.77
C ALA B 124 4.31 16.63 -0.02
N ASN B 125 4.17 16.27 -1.29
CA ASN B 125 5.32 15.93 -2.11
C ASN B 125 6.13 14.82 -1.48
N SER B 126 5.44 13.93 -0.76
CA SER B 126 6.09 12.83 -0.06
C SER B 126 5.71 11.44 -0.52
N GLY B 127 6.38 10.47 0.10
CA GLY B 127 6.12 9.07 -0.17
C GLY B 127 5.59 8.55 1.15
N ILE B 128 5.72 7.25 1.39
CA ILE B 128 5.25 6.71 2.65
C ILE B 128 6.44 6.56 3.58
N TYR B 129 6.23 6.86 4.85
CA TYR B 129 7.31 6.77 5.84
C TYR B 129 6.73 6.63 7.25
N ALA C 1 2.63 4.52 12.00
CA ALA C 1 2.72 3.09 12.48
C ALA C 1 3.95 2.37 11.90
N SER C 2 4.61 1.55 12.73
CA SER C 2 5.78 0.80 12.28
C SER C 2 6.22 -0.27 13.27
N ASN C 3 6.60 -1.43 12.74
CA ASN C 3 7.07 -2.51 13.59
C ASN C 3 8.56 -2.75 13.35
N PHE C 4 9.14 -1.91 12.50
CA PHE C 4 10.57 -2.00 12.21
C PHE C 4 11.25 -1.11 13.24
N THR C 5 11.10 -1.49 14.50
CA THR C 5 11.67 -0.74 15.59
C THR C 5 12.64 -1.52 16.43
N GLN C 6 13.20 -0.82 17.41
CA GLN C 6 14.15 -1.37 18.33
C GLN C 6 13.41 -2.26 19.33
N PHE C 7 14.07 -3.30 19.83
CA PHE C 7 13.45 -4.19 20.81
C PHE C 7 14.48 -4.99 21.57
N VAL C 8 14.06 -5.55 22.70
CA VAL C 8 14.93 -6.34 23.54
C VAL C 8 15.02 -7.78 23.06
N LEU C 9 16.22 -8.21 22.68
CA LEU C 9 16.44 -9.56 22.20
C LEU C 9 16.69 -10.47 23.39
N VAL C 10 17.59 -10.05 24.27
CA VAL C 10 17.89 -10.83 25.46
C VAL C 10 17.48 -10.00 26.66
N ASP C 11 16.62 -10.57 27.50
CA ASP C 11 16.16 -9.87 28.69
C ASP C 11 16.85 -10.38 29.95
N ASN C 12 17.64 -9.50 30.57
CA ASN C 12 18.36 -9.82 31.81
C ASN C 12 17.90 -8.82 32.85
N GLY C 13 16.68 -9.02 33.35
CA GLY C 13 16.15 -8.07 34.30
C GLY C 13 16.08 -6.75 33.53
N GLY C 14 16.60 -5.68 34.09
CA GLY C 14 16.57 -4.40 33.38
C GLY C 14 17.97 -3.91 33.07
N THR C 15 18.97 -4.74 33.37
CA THR C 15 20.36 -4.34 33.15
C THR C 15 21.22 -5.45 32.56
N GLY C 16 21.88 -5.12 31.44
CA GLY C 16 22.69 -6.10 30.75
C GLY C 16 21.79 -6.68 29.67
N ASP C 17 20.66 -6.00 29.45
CA ASP C 17 19.71 -6.41 28.43
C ASP C 17 20.33 -6.16 27.07
N VAL C 18 20.15 -7.10 26.14
CA VAL C 18 20.68 -6.91 24.81
C VAL C 18 19.57 -6.33 23.94
N THR C 19 19.81 -5.13 23.45
CA THR C 19 18.85 -4.48 22.59
C THR C 19 19.37 -4.44 21.18
N VAL C 20 18.49 -4.76 20.25
CA VAL C 20 18.86 -4.80 18.86
C VAL C 20 18.06 -3.67 18.19
N ALA C 21 18.71 -2.92 17.30
CA ALA C 21 18.03 -1.80 16.64
C ALA C 21 18.06 -1.90 15.12
N PRO C 22 17.07 -1.29 14.45
CA PRO C 22 17.03 -1.34 12.98
C PRO C 22 18.33 -0.86 12.36
N SER C 23 18.74 -1.46 11.27
CA SER C 23 19.97 -1.02 10.63
C SER C 23 19.84 -1.00 9.13
N ASN C 24 19.02 -1.88 8.59
CA ASN C 24 18.90 -1.91 7.16
C ASN C 24 17.67 -2.66 6.72
N PHE C 25 17.11 -2.26 5.58
CA PHE C 25 15.93 -2.92 5.06
C PHE C 25 16.06 -3.00 3.56
N ALA C 26 17.20 -3.48 3.10
CA ALA C 26 17.46 -3.61 1.67
C ALA C 26 16.90 -4.91 1.09
N ASN C 27 16.30 -4.83 -0.09
CA ASN C 27 15.74 -6.00 -0.77
C ASN C 27 14.75 -6.82 0.04
N GLY C 28 13.80 -6.17 0.70
CA GLY C 28 12.84 -6.90 1.48
C GLY C 28 13.40 -7.70 2.64
N VAL C 29 14.61 -7.37 3.09
CA VAL C 29 15.19 -8.06 4.22
C VAL C 29 15.46 -7.07 5.33
N ALA C 30 14.68 -7.17 6.41
CA ALA C 30 14.85 -6.28 7.54
C ALA C 30 15.98 -6.80 8.40
N GLU C 31 16.82 -5.88 8.88
CA GLU C 31 17.96 -6.24 9.70
C GLU C 31 18.06 -5.39 10.95
N TRP C 32 18.39 -6.04 12.05
CA TRP C 32 18.56 -5.38 13.35
C TRP C 32 19.96 -5.73 13.85
N ILE C 33 20.63 -4.78 14.48
CA ILE C 33 21.97 -4.99 15.02
C ILE C 33 22.05 -4.40 16.41
N SER C 34 22.81 -5.01 17.30
CA SER C 34 22.96 -4.46 18.65
C SER C 34 24.04 -3.39 18.55
N SER C 35 24.14 -2.52 19.53
CA SER C 35 25.13 -1.45 19.46
C SER C 35 26.59 -1.87 19.70
N ASN C 36 27.49 -0.94 19.46
CA ASN C 36 28.94 -1.12 19.57
C ASN C 36 29.53 -1.89 18.41
N SER C 37 30.80 -2.25 18.51
CA SER C 37 31.47 -2.97 17.42
C SER C 37 30.56 -3.91 16.67
N ARG C 38 30.44 -3.66 15.36
CA ARG C 38 29.63 -4.50 14.51
C ARG C 38 30.15 -5.93 14.63
N SER C 39 31.45 -6.05 14.83
CA SER C 39 32.10 -7.35 14.95
C SER C 39 31.64 -8.18 16.15
N GLN C 40 31.17 -7.52 17.20
CA GLN C 40 30.71 -8.22 18.39
C GLN C 40 29.22 -8.11 18.58
N ALA C 41 28.52 -7.62 17.56
CA ALA C 41 27.08 -7.40 17.66
C ALA C 41 26.19 -8.59 17.41
N TYR C 42 24.98 -8.51 17.97
CA TYR C 42 23.97 -9.52 17.77
C TYR C 42 23.27 -9.10 16.49
N LYS C 43 22.82 -10.05 15.71
CA LYS C 43 22.16 -9.74 14.46
C LYS C 43 20.86 -10.53 14.29
N VAL C 44 19.87 -9.87 13.72
CA VAL C 44 18.57 -10.51 13.48
C VAL C 44 18.07 -10.03 12.12
N THR C 45 17.63 -10.95 11.29
CA THR C 45 17.09 -10.57 9.99
C THR C 45 15.77 -11.26 9.79
N CYS C 46 14.91 -10.65 8.99
CA CYS C 46 13.60 -11.21 8.73
C CYS C 46 13.07 -10.81 7.36
N SER C 47 12.35 -11.71 6.71
CA SER C 47 11.77 -11.42 5.41
C SER C 47 10.61 -12.35 5.15
N VAL C 48 9.68 -11.91 4.30
CA VAL C 48 8.52 -12.70 3.94
C VAL C 48 8.40 -12.71 2.43
N ARG C 49 7.90 -13.80 1.88
CA ARG C 49 7.74 -13.88 0.45
C ARG C 49 6.68 -14.91 0.15
N GLN C 50 6.09 -14.80 -1.04
CA GLN C 50 5.08 -15.74 -1.50
C GLN C 50 5.88 -16.94 -2.02
N SER C 51 6.05 -17.96 -1.19
CA SER C 51 6.83 -19.13 -1.59
C SER C 51 6.21 -19.91 -2.74
N SER C 52 4.88 -19.89 -2.79
CA SER C 52 4.16 -20.57 -3.86
C SER C 52 2.81 -19.91 -3.97
N ALA C 53 1.94 -20.49 -4.79
CA ALA C 53 0.61 -19.93 -4.97
C ALA C 53 -0.17 -19.88 -3.66
N GLN C 54 -0.02 -20.92 -2.84
CA GLN C 54 -0.77 -20.99 -1.59
C GLN C 54 -0.02 -20.62 -0.32
N ASN C 55 1.30 -20.55 -0.40
CA ASN C 55 2.05 -20.24 0.80
C ASN C 55 2.90 -18.99 0.82
N ARG C 56 2.98 -18.43 2.02
CA ARG C 56 3.82 -17.28 2.27
C ARG C 56 4.85 -17.89 3.21
N LYS C 57 6.09 -17.42 3.13
CA LYS C 57 7.13 -18.01 3.94
C LYS C 57 8.04 -17.00 4.64
N TYR C 58 8.07 -17.05 5.96
CA TYR C 58 8.92 -16.17 6.73
C TYR C 58 10.29 -16.83 6.91
N THR C 59 11.35 -16.04 6.76
CA THR C 59 12.71 -16.54 6.96
C THR C 59 13.35 -15.64 8.00
N ILE C 60 13.59 -16.20 9.18
CA ILE C 60 14.17 -15.44 10.29
C ILE C 60 15.53 -16.00 10.68
N LYS C 61 16.46 -15.10 11.01
CA LYS C 61 17.80 -15.51 11.40
C LYS C 61 18.31 -14.69 12.55
N VAL C 62 19.00 -15.36 13.46
CA VAL C 62 19.57 -14.69 14.62
C VAL C 62 21.00 -15.16 14.80
N GLU C 63 21.85 -14.25 15.27
CA GLU C 63 23.26 -14.55 15.50
C GLU C 63 23.63 -14.12 16.91
N VAL C 64 24.07 -15.08 17.72
CA VAL C 64 24.49 -14.77 19.09
C VAL C 64 26.00 -14.92 19.10
N PRO C 65 26.71 -13.83 19.40
CA PRO C 65 28.17 -13.86 19.43
C PRO C 65 28.75 -14.12 20.81
N LYS C 66 29.96 -14.63 20.82
CA LYS C 66 30.69 -14.88 22.04
C LYS C 66 31.75 -13.79 22.04
N VAL C 67 31.49 -12.72 22.77
CA VAL C 67 32.39 -11.58 22.83
C VAL C 67 33.78 -11.92 23.37
N ALA C 68 34.80 -11.51 22.62
CA ALA C 68 36.18 -11.78 23.01
C ALA C 68 37.13 -10.72 22.44
N THR C 69 38.38 -10.72 22.89
CA THR C 69 39.37 -9.77 22.41
C THR C 69 40.49 -10.51 21.68
N GLN C 70 40.69 -10.16 20.41
CA GLN C 70 41.75 -10.81 19.64
C GLN C 70 43.03 -10.02 19.72
N THR C 71 44.13 -10.71 19.99
CA THR C 71 45.43 -10.03 20.06
C THR C 71 46.39 -10.70 19.10
N VAL C 72 46.93 -9.89 18.20
CA VAL C 72 47.87 -10.39 17.20
C VAL C 72 48.93 -9.31 16.95
N GLY C 73 50.20 -9.69 17.14
CA GLY C 73 51.27 -8.75 16.95
C GLY C 73 51.21 -7.65 17.99
N GLY C 74 50.46 -7.89 19.06
CA GLY C 74 50.36 -6.87 20.10
C GLY C 74 49.23 -5.91 19.80
N VAL C 75 48.52 -6.17 18.70
CA VAL C 75 47.40 -5.33 18.30
C VAL C 75 46.12 -6.05 18.71
N GLU C 76 45.28 -5.42 19.54
CA GLU C 76 44.04 -6.06 19.91
C GLU C 76 42.80 -5.45 19.28
N LEU C 77 41.92 -6.32 18.81
CA LEU C 77 40.67 -5.94 18.17
C LEU C 77 39.48 -6.59 18.84
N PRO C 78 38.34 -5.91 18.85
CA PRO C 78 37.14 -6.47 19.48
C PRO C 78 36.59 -7.42 18.44
N VAL C 79 36.45 -8.69 18.79
CA VAL C 79 35.93 -9.67 17.85
C VAL C 79 34.93 -10.58 18.52
N ALA C 80 34.52 -11.60 17.77
CA ALA C 80 33.60 -12.60 18.26
C ALA C 80 34.39 -13.91 18.17
N ALA C 81 34.63 -14.56 19.30
CA ALA C 81 35.37 -15.81 19.34
C ALA C 81 34.69 -16.80 18.40
N TRP C 82 33.36 -16.77 18.42
CA TRP C 82 32.54 -17.62 17.57
C TRP C 82 31.12 -17.12 17.64
N ARG C 83 30.25 -17.69 16.82
CA ARG C 83 28.86 -17.30 16.79
C ARG C 83 27.94 -18.49 16.74
N SER C 84 26.79 -18.35 17.36
CA SER C 84 25.77 -19.38 17.38
C SER C 84 24.76 -18.91 16.34
N TYR C 85 24.33 -19.81 15.44
CA TYR C 85 23.40 -19.41 14.39
C TYR C 85 22.00 -20.01 14.43
N LEU C 86 21.00 -19.17 14.67
CA LEU C 86 19.62 -19.61 14.69
C LEU C 86 19.09 -19.38 13.30
N ASN C 87 18.34 -20.33 12.78
CA ASN C 87 17.85 -20.20 11.44
C ASN C 87 16.47 -20.82 11.27
N MET C 88 15.42 -20.01 11.16
CA MET C 88 14.10 -20.60 11.02
C MET C 88 13.23 -20.14 9.85
N GLU C 89 12.46 -21.08 9.33
CA GLU C 89 11.55 -20.83 8.22
C GLU C 89 10.15 -21.21 8.66
N LEU C 90 9.21 -20.32 8.43
CA LEU C 90 7.84 -20.57 8.81
C LEU C 90 6.95 -20.44 7.58
N THR C 91 6.24 -21.51 7.25
CA THR C 91 5.34 -21.50 6.10
C THR C 91 3.90 -21.42 6.56
N ILE C 92 3.15 -20.50 5.98
CA ILE C 92 1.76 -20.31 6.34
C ILE C 92 0.87 -20.13 5.12
N PRO C 93 -0.12 -21.03 4.94
CA PRO C 93 -1.06 -21.01 3.83
C PRO C 93 -1.81 -19.68 3.83
N ILE C 94 -2.25 -19.23 2.67
CA ILE C 94 -2.95 -17.95 2.57
C ILE C 94 -4.37 -18.00 3.11
N PHE C 95 -4.81 -19.17 3.54
CA PHE C 95 -6.16 -19.31 4.08
C PHE C 95 -6.17 -19.04 5.56
N ALA C 96 -4.99 -18.88 6.15
CA ALA C 96 -4.89 -18.63 7.57
C ALA C 96 -5.42 -17.25 7.91
N THR C 97 -6.32 -17.20 8.88
CA THR C 97 -6.89 -15.94 9.33
C THR C 97 -5.97 -15.39 10.40
N ASN C 98 -6.28 -14.22 10.95
CA ASN C 98 -5.43 -13.67 11.99
C ASN C 98 -5.51 -14.57 13.21
N SER C 99 -6.66 -15.20 13.42
CA SER C 99 -6.83 -16.09 14.54
C SER C 99 -5.87 -17.24 14.39
N ASP C 100 -5.83 -17.82 13.18
CA ASP C 100 -4.94 -18.94 12.93
C ASP C 100 -3.48 -18.56 13.17
N CYS C 101 -3.10 -17.36 12.76
CA CYS C 101 -1.73 -16.91 12.92
C CYS C 101 -1.36 -16.74 14.39
N GLU C 102 -2.30 -16.26 15.19
CA GLU C 102 -2.02 -16.09 16.60
C GLU C 102 -1.76 -17.43 17.23
N LEU C 103 -2.46 -18.45 16.75
CA LEU C 103 -2.30 -19.78 17.28
C LEU C 103 -0.87 -20.24 16.97
N ILE C 104 -0.47 -20.05 15.72
CA ILE C 104 0.85 -20.43 15.28
C ILE C 104 1.90 -19.75 16.14
N VAL C 105 1.68 -18.49 16.49
CA VAL C 105 2.63 -17.77 17.31
C VAL C 105 2.67 -18.34 18.72
N LYS C 106 1.51 -18.67 19.28
CA LYS C 106 1.50 -19.23 20.63
C LYS C 106 2.23 -20.56 20.63
N ALA C 107 2.14 -21.30 19.53
CA ALA C 107 2.80 -22.60 19.44
C ALA C 107 4.29 -22.37 19.52
N MET C 108 4.78 -21.35 18.83
CA MET C 108 6.21 -21.08 18.85
C MET C 108 6.69 -20.62 20.22
N GLN C 109 5.89 -19.81 20.90
CA GLN C 109 6.26 -19.33 22.22
C GLN C 109 6.23 -20.49 23.21
N GLY C 110 5.26 -21.38 23.04
CA GLY C 110 5.15 -22.54 23.92
C GLY C 110 6.32 -23.47 23.74
N LEU C 111 6.70 -23.72 22.49
CA LEU C 111 7.82 -24.59 22.18
C LEU C 111 9.06 -24.19 22.96
N LEU C 112 9.26 -22.90 23.17
CA LEU C 112 10.44 -22.40 23.85
C LEU C 112 10.26 -21.92 25.28
N LYS C 113 9.08 -22.10 25.86
CA LYS C 113 8.87 -21.64 27.23
C LYS C 113 9.80 -22.33 28.22
N ASP C 114 10.21 -21.59 29.25
CA ASP C 114 11.10 -22.16 30.25
C ASP C 114 10.54 -23.42 30.87
N GLY C 115 11.38 -24.44 31.00
CA GLY C 115 10.93 -25.68 31.61
C GLY C 115 10.52 -26.73 30.62
N ASN C 116 10.13 -26.32 29.42
CA ASN C 116 9.72 -27.30 28.44
C ASN C 116 10.93 -28.02 27.89
N PRO C 117 10.73 -29.24 27.39
CA PRO C 117 11.79 -30.09 26.84
C PRO C 117 12.89 -29.44 26.02
N ILE C 118 12.52 -28.88 24.88
CA ILE C 118 13.50 -28.29 24.00
C ILE C 118 14.37 -27.16 24.55
N PRO C 119 13.76 -26.12 25.14
CA PRO C 119 14.65 -25.09 25.65
C PRO C 119 15.56 -25.62 26.77
N SER C 120 15.08 -26.63 27.49
CA SER C 120 15.85 -27.21 28.58
C SER C 120 17.05 -27.98 28.05
N ALA C 121 16.84 -28.73 26.97
CA ALA C 121 17.91 -29.52 26.39
C ALA C 121 19.00 -28.59 25.90
N ILE C 122 18.61 -27.60 25.11
CA ILE C 122 19.56 -26.64 24.55
C ILE C 122 20.36 -25.95 25.63
N ALA C 123 19.67 -25.42 26.64
CA ALA C 123 20.31 -24.71 27.72
C ALA C 123 21.32 -25.56 28.48
N ALA C 124 21.13 -26.88 28.44
CA ALA C 124 22.02 -27.79 29.16
C ALA C 124 23.02 -28.52 28.28
N ASN C 125 23.24 -28.02 27.06
CA ASN C 125 24.20 -28.67 26.16
C ASN C 125 23.78 -30.11 25.91
N SER C 126 22.51 -30.42 26.10
CA SER C 126 22.04 -31.78 25.94
C SER C 126 21.11 -32.01 24.76
N GLY C 127 20.64 -33.24 24.65
CA GLY C 127 19.70 -33.62 23.61
C GLY C 127 18.48 -34.14 24.33
N ILE C 128 17.69 -34.99 23.69
CA ILE C 128 16.51 -35.53 24.33
C ILE C 128 16.86 -36.85 24.99
N TYR C 129 16.21 -37.16 26.10
CA TYR C 129 16.49 -38.40 26.80
C TYR C 129 15.35 -38.73 27.78
#